data_8A5Z
#
_entry.id   8A5Z
#
_cell.length_a   81.000
_cell.length_b   89.000
_cell.length_c   94.000
_cell.angle_alpha   90.000
_cell.angle_beta   90.000
_cell.angle_gamma   90.000
#
_symmetry.space_group_name_H-M   'P 21 21 21'
#
loop_
_entity.id
_entity.type
_entity.pdbx_description
1 polymer 'NAD_binding_2 domain-containing protein'
2 non-polymer 'NADP NICOTINAMIDE-ADENINE-DINUCLEOTIDE PHOSPHATE'
3 non-polymer 'IODIDE ION'
4 water water
#
_entity_poly.entity_id   1
_entity_poly.type   'polypeptide(L)'
_entity_poly.pdbx_seq_one_letter_code
;MKPSISVLGTGRMGSALARALLQAGYRTVVWNRTSEKAEPLAALGATVAPTVRQAIDASGIVIVNVSDYAATSTLLRASD
VTPGLRGKLIVELTSGTPEGARETSQWTAAHGARYLDGAILATPDFIGTDAGTILLSGALEPFAANEDVFRALGGNVQHI
GTEPGLANALDSAVLALMWGALFGGLHAIAVCRAEEIDLGELGRQWANTAPVVEGLVADLIKRTSAGRFVSDAETLSSIS
PHYGAFQHLKELMEARRIDRTVVDGYDAIFRRAIASGHLHDDFAALSQFMGKAEQP
;
_entity_poly.pdbx_strand_id   A,B
#
loop_
_chem_comp.id
_chem_comp.type
_chem_comp.name
_chem_comp.formula
IOD non-polymer 'IODIDE ION' 'I -1'
NAP non-polymer 'NADP NICOTINAMIDE-ADENINE-DINUCLEOTIDE PHOSPHATE' 'C21 H28 N7 O17 P3'
#
# COMPACT_ATOMS: atom_id res chain seq x y z
N LYS A 2 37.56 5.10 19.07
CA LYS A 2 36.13 5.43 18.71
C LYS A 2 35.43 6.08 19.92
N PRO A 3 34.75 7.25 19.75
CA PRO A 3 34.12 7.95 20.88
C PRO A 3 32.88 7.24 21.46
N SER A 4 32.50 7.65 22.67
CA SER A 4 31.28 7.20 23.39
C SER A 4 30.07 7.91 22.80
N ILE A 5 28.97 7.17 22.62
CA ILE A 5 27.67 7.64 22.06
C ILE A 5 26.61 7.46 23.14
N SER A 6 25.82 8.50 23.38
CA SER A 6 24.60 8.44 24.24
C SER A 6 23.34 8.43 23.36
N VAL A 7 22.31 7.72 23.82
CA VAL A 7 20.97 7.60 23.16
C VAL A 7 19.90 7.99 24.18
N LEU A 8 19.11 9.04 23.94
CA LEU A 8 17.99 9.43 24.84
C LEU A 8 16.70 8.88 24.24
N GLY A 9 16.02 7.98 24.95
CA GLY A 9 14.83 7.23 24.48
C GLY A 9 15.15 5.78 24.14
N THR A 10 14.57 4.83 24.87
CA THR A 10 14.83 3.40 24.65
C THR A 10 13.48 2.72 24.37
N GLY A 11 12.62 3.40 23.60
CA GLY A 11 11.45 2.79 22.94
C GLY A 11 11.89 1.76 21.91
N ARG A 12 10.97 1.28 21.08
CA ARG A 12 11.29 0.29 20.03
C ARG A 12 12.47 0.83 19.23
N MET A 13 12.38 2.09 18.77
CA MET A 13 13.36 2.60 17.79
C MET A 13 14.66 3.02 18.48
N GLY A 14 14.58 3.67 19.65
CA GLY A 14 15.77 4.10 20.41
C GLY A 14 16.63 2.90 20.76
N SER A 15 16.00 1.81 21.17
CA SER A 15 16.68 0.54 21.50
C SER A 15 17.42 0.02 20.26
N ALA A 16 16.79 0.04 19.09
CA ALA A 16 17.38 -0.51 17.86
C ALA A 16 18.66 0.27 17.56
N LEU A 17 18.60 1.60 17.73
CA LEU A 17 19.77 2.47 17.49
C LEU A 17 20.88 2.06 18.44
N ALA A 18 20.55 1.91 19.72
CA ALA A 18 21.51 1.51 20.77
C ALA A 18 22.13 0.17 20.39
N ARG A 19 21.31 -0.80 19.96
CA ARG A 19 21.77 -2.18 19.65
C ARG A 19 22.82 -2.15 18.54
N ALA A 20 22.56 -1.32 17.53
CA ALA A 20 23.41 -1.15 16.33
C ALA A 20 24.75 -0.52 16.74
N LEU A 21 24.73 0.48 17.64
CA LEU A 21 25.97 1.13 18.12
C LEU A 21 26.83 0.08 18.84
N LEU A 22 26.21 -0.72 19.71
CA LEU A 22 26.90 -1.79 20.46
C LEU A 22 27.47 -2.84 19.50
N GLN A 23 26.67 -3.34 18.53
CA GLN A 23 27.10 -4.33 17.51
C GLN A 23 28.41 -3.85 16.86
N ALA A 24 28.55 -2.55 16.61
CA ALA A 24 29.71 -1.94 15.92
C ALA A 24 30.87 -1.66 16.90
N GLY A 25 30.66 -1.88 18.21
CA GLY A 25 31.72 -1.78 19.23
C GLY A 25 31.88 -0.37 19.81
N TYR A 26 30.83 0.44 19.80
CA TYR A 26 30.82 1.75 20.49
C TYR A 26 30.45 1.51 21.95
N ARG A 27 31.16 2.18 22.88
CA ARG A 27 30.65 2.37 24.27
C ARG A 27 29.34 3.14 24.09
N THR A 28 28.24 2.57 24.54
CA THR A 28 26.87 3.10 24.31
C THR A 28 26.20 3.40 25.65
N VAL A 29 25.84 4.65 25.90
CA VAL A 29 25.20 5.07 27.18
C VAL A 29 23.74 5.45 26.89
N VAL A 30 22.80 4.85 27.61
CA VAL A 30 21.36 5.03 27.33
C VAL A 30 20.66 5.62 28.54
N TRP A 31 19.54 6.28 28.29
CA TRP A 31 18.64 6.87 29.31
C TRP A 31 17.22 6.77 28.77
N ASN A 32 16.25 6.56 29.66
CA ASN A 32 14.81 6.51 29.31
C ASN A 32 14.03 6.99 30.53
N ARG A 33 12.95 7.74 30.31
CA ARG A 33 12.08 8.24 31.39
C ARG A 33 11.67 7.05 32.27
N THR A 34 11.20 5.96 31.67
CA THR A 34 10.90 4.70 32.39
C THR A 34 12.15 3.79 32.41
N SER A 35 12.98 3.91 33.46
CA SER A 35 14.27 3.20 33.66
C SER A 35 14.10 1.69 33.40
N GLU A 36 13.00 1.08 33.86
CA GLU A 36 12.71 -0.39 33.68
C GLU A 36 12.93 -0.76 32.20
N LYS A 37 12.54 0.10 31.24
CA LYS A 37 12.54 -0.26 29.79
C LYS A 37 13.99 -0.29 29.26
N ALA A 38 14.97 0.30 29.97
CA ALA A 38 16.38 0.42 29.53
C ALA A 38 17.25 -0.75 30.01
N GLU A 39 16.81 -1.49 31.04
CA GLU A 39 17.53 -2.68 31.59
C GLU A 39 18.03 -3.60 30.47
N PRO A 40 17.19 -4.09 29.53
CA PRO A 40 17.61 -5.13 28.59
C PRO A 40 18.83 -4.73 27.76
N LEU A 41 19.11 -3.42 27.63
CA LEU A 41 20.29 -2.89 26.88
C LEU A 41 21.54 -2.98 27.76
N ALA A 42 21.36 -3.00 29.09
CA ALA A 42 22.45 -3.27 30.04
C ALA A 42 23.01 -4.68 29.75
N ALA A 43 22.10 -5.66 29.68
CA ALA A 43 22.39 -7.08 29.35
C ALA A 43 23.24 -7.18 28.08
N LEU A 44 23.14 -6.19 27.18
CA LEU A 44 23.75 -6.24 25.82
C LEU A 44 25.06 -5.45 25.79
N GLY A 45 25.38 -4.71 26.85
CA GLY A 45 26.67 -4.00 26.99
C GLY A 45 26.49 -2.50 27.23
N ALA A 46 25.26 -2.01 27.21
CA ALA A 46 24.98 -0.58 27.48
C ALA A 46 25.30 -0.28 28.95
N THR A 47 25.87 0.89 29.19
CA THR A 47 25.82 1.59 30.50
C THR A 47 24.47 2.30 30.58
N VAL A 48 23.65 2.06 31.61
CA VAL A 48 22.41 2.84 31.83
C VAL A 48 22.75 4.07 32.67
N ALA A 49 22.58 5.27 32.12
CA ALA A 49 22.57 6.50 32.92
C ALA A 49 21.26 6.54 33.70
N PRO A 50 21.30 6.93 35.00
CA PRO A 50 20.06 7.20 35.73
C PRO A 50 19.42 8.57 35.43
N THR A 51 20.22 9.58 35.05
CA THR A 51 19.73 10.94 34.69
C THR A 51 20.21 11.34 33.27
N VAL A 52 19.47 12.25 32.65
CA VAL A 52 19.81 12.84 31.33
C VAL A 52 21.22 13.44 31.45
N ARG A 53 21.42 14.35 32.42
CA ARG A 53 22.70 15.08 32.55
C ARG A 53 23.88 14.10 32.58
N GLN A 54 23.71 12.96 33.22
CA GLN A 54 24.77 11.93 33.34
C GLN A 54 25.05 11.36 31.93
N ALA A 55 23.99 11.09 31.15
CA ALA A 55 24.07 10.45 29.82
C ALA A 55 24.77 11.41 28.86
N ILE A 56 24.45 12.69 28.97
CA ILE A 56 25.04 13.79 28.14
C ILE A 56 26.52 13.95 28.48
N ASP A 57 26.92 13.84 29.76
CA ASP A 57 28.32 14.06 30.23
C ASP A 57 29.21 12.90 29.81
N ALA A 58 28.67 11.69 29.69
CA ALA A 58 29.41 10.45 29.36
C ALA A 58 29.95 10.49 27.92
N SER A 59 29.33 11.23 27.01
CA SER A 59 29.55 11.06 25.54
C SER A 59 29.74 12.41 24.83
N GLY A 60 30.42 12.39 23.68
CA GLY A 60 30.58 13.58 22.81
C GLY A 60 29.42 13.74 21.82
N ILE A 61 28.67 12.64 21.57
CA ILE A 61 27.53 12.56 20.60
C ILE A 61 26.27 12.13 21.35
N VAL A 62 25.18 12.87 21.18
CA VAL A 62 23.90 12.54 21.84
C VAL A 62 22.84 12.33 20.76
N ILE A 63 22.39 11.09 20.55
CA ILE A 63 21.31 10.77 19.58
C ILE A 63 20.02 10.74 20.36
N VAL A 64 19.05 11.57 20.00
CA VAL A 64 17.72 11.62 20.68
C VAL A 64 16.69 10.86 19.82
N ASN A 65 15.90 9.99 20.43
CA ASN A 65 14.78 9.32 19.72
C ASN A 65 13.59 9.15 20.66
N VAL A 66 12.82 10.21 20.89
CA VAL A 66 11.59 10.16 21.77
C VAL A 66 10.34 10.42 20.91
N SER A 67 9.21 10.75 21.53
CA SER A 67 7.90 10.92 20.86
C SER A 67 7.93 12.14 19.93
N ASP A 68 8.35 13.31 20.43
CA ASP A 68 8.21 14.60 19.71
C ASP A 68 9.24 15.61 20.25
N TYR A 69 9.36 16.75 19.58
CA TYR A 69 10.36 17.80 19.84
C TYR A 69 10.00 18.50 21.16
N ALA A 70 8.71 18.59 21.50
CA ALA A 70 8.20 19.16 22.78
C ALA A 70 8.82 18.40 23.97
N ALA A 71 8.89 17.08 23.83
CA ALA A 71 9.52 16.14 24.78
C ALA A 71 11.04 16.39 24.82
N THR A 72 11.69 16.44 23.66
CA THR A 72 13.14 16.68 23.57
C THR A 72 13.46 17.97 24.32
N SER A 73 12.61 18.98 24.20
CA SER A 73 12.75 20.30 24.88
C SER A 73 12.70 20.12 26.40
N THR A 74 11.68 19.45 26.91
CA THR A 74 11.56 19.21 28.37
C THR A 74 12.90 18.57 28.84
N LEU A 75 13.51 17.65 28.08
CA LEU A 75 14.77 16.94 28.48
C LEU A 75 15.98 17.87 28.46
N LEU A 76 16.23 18.56 27.33
CA LEU A 76 17.52 19.23 27.02
C LEU A 76 17.54 20.69 27.49
N ARG A 77 16.35 21.29 27.67
CA ARG A 77 16.15 22.74 27.98
C ARG A 77 16.04 22.96 29.50
N ALA A 78 15.91 21.89 30.29
CA ALA A 78 15.93 21.92 31.77
C ALA A 78 17.28 22.49 32.22
N SER A 79 17.28 23.42 33.21
CA SER A 79 18.48 24.14 33.73
C SER A 79 19.60 23.14 34.04
N ASP A 80 19.28 21.98 34.62
CA ASP A 80 20.27 20.99 35.13
C ASP A 80 20.88 20.15 33.99
N VAL A 81 20.37 20.21 32.74
CA VAL A 81 20.95 19.54 31.52
C VAL A 81 21.69 20.55 30.63
N THR A 82 21.06 21.68 30.29
CA THR A 82 21.50 22.66 29.26
C THR A 82 23.00 22.93 29.30
N PRO A 83 23.59 23.32 30.46
CA PRO A 83 25.01 23.71 30.53
C PRO A 83 25.94 22.57 30.11
N GLY A 84 25.42 21.34 30.13
CA GLY A 84 26.17 20.12 29.77
C GLY A 84 26.29 19.92 28.26
N LEU A 85 25.50 20.66 27.46
CA LEU A 85 25.39 20.48 25.98
C LEU A 85 26.56 21.15 25.25
N ARG A 86 27.29 22.05 25.91
CA ARG A 86 28.40 22.83 25.29
C ARG A 86 29.43 21.87 24.66
N GLY A 87 29.80 22.04 23.39
CA GLY A 87 30.84 21.23 22.73
C GLY A 87 30.32 19.88 22.20
N LYS A 88 29.05 19.56 22.43
CA LYS A 88 28.46 18.26 22.05
C LYS A 88 27.89 18.32 20.62
N LEU A 89 27.80 17.17 19.95
CA LEU A 89 26.97 16.98 18.74
C LEU A 89 25.62 16.40 19.17
N ILE A 90 24.53 17.16 19.01
CA ILE A 90 23.15 16.61 19.20
C ILE A 90 22.57 16.16 17.85
N VAL A 91 22.06 14.93 17.80
CA VAL A 91 21.49 14.30 16.58
C VAL A 91 20.03 13.99 16.87
N GLU A 92 19.13 14.87 16.44
CA GLU A 92 17.69 14.71 16.76
C GLU A 92 17.10 13.77 15.72
N LEU A 93 16.94 12.48 16.02
CA LEU A 93 16.29 11.51 15.06
C LEU A 93 14.80 11.37 15.34
N THR A 94 14.25 12.18 16.23
CA THR A 94 12.79 12.28 16.55
C THR A 94 12.10 12.80 15.26
N SER A 95 10.87 12.34 15.01
CA SER A 95 9.96 12.86 13.96
C SER A 95 9.50 14.29 14.30
N GLY A 96 9.47 15.16 13.29
CA GLY A 96 9.04 16.56 13.48
C GLY A 96 8.81 17.31 12.17
N THR A 97 8.49 18.58 12.31
CA THR A 97 8.24 19.57 11.25
C THR A 97 9.56 20.23 10.87
N PRO A 98 9.66 20.78 9.65
CA PRO A 98 10.83 21.57 9.27
C PRO A 98 11.03 22.76 10.24
N GLU A 99 9.94 23.42 10.69
CA GLU A 99 10.05 24.60 11.63
C GLU A 99 10.75 24.13 12.91
N GLY A 100 10.32 22.98 13.44
CA GLY A 100 10.89 22.37 14.65
C GLY A 100 12.37 22.12 14.45
N ALA A 101 12.77 21.58 13.29
CA ALA A 101 14.20 21.36 13.03
C ALA A 101 14.93 22.72 13.15
N ARG A 102 14.37 23.76 12.53
CA ARG A 102 15.00 25.11 12.42
C ARG A 102 15.08 25.74 13.83
N GLU A 103 13.99 25.67 14.57
CA GLU A 103 13.89 26.20 15.96
C GLU A 103 14.95 25.49 16.84
N THR A 104 15.13 24.18 16.68
CA THR A 104 16.10 23.39 17.48
C THR A 104 17.51 23.73 17.04
N SER A 105 17.74 23.92 15.73
CA SER A 105 19.07 24.31 15.22
C SER A 105 19.52 25.64 15.89
N GLN A 106 18.63 26.64 15.89
CA GLN A 106 18.92 28.00 16.45
C GLN A 106 19.27 27.81 17.93
N TRP A 107 18.39 27.14 18.66
CA TRP A 107 18.50 26.96 20.13
C TRP A 107 19.78 26.21 20.48
N THR A 108 20.08 25.08 19.82
CA THR A 108 21.26 24.25 20.15
C THR A 108 22.53 25.07 19.95
N ALA A 109 22.61 25.86 18.86
CA ALA A 109 23.77 26.71 18.52
C ALA A 109 23.96 27.79 19.61
N ALA A 110 22.86 28.36 20.11
CA ALA A 110 22.87 29.46 21.10
C ALA A 110 23.40 28.92 22.43
N HIS A 111 23.36 27.60 22.64
CA HIS A 111 23.77 26.96 23.92
C HIS A 111 25.00 26.08 23.65
N GLY A 112 25.72 26.35 22.55
CA GLY A 112 27.11 25.90 22.33
C GLY A 112 27.27 24.50 21.73
N ALA A 113 26.20 23.89 21.20
CA ALA A 113 26.22 22.50 20.67
C ALA A 113 26.05 22.51 19.14
N ARG A 114 26.77 21.62 18.44
CA ARG A 114 26.62 21.31 16.99
C ARG A 114 25.31 20.51 16.80
N TYR A 115 24.68 20.53 15.63
CA TYR A 115 23.34 19.90 15.43
C TYR A 115 23.23 19.21 14.06
N LEU A 116 22.54 18.09 14.08
CA LEU A 116 22.03 17.41 12.89
C LEU A 116 20.59 17.04 13.17
N ASP A 117 19.72 17.20 12.19
CA ASP A 117 18.31 16.79 12.32
C ASP A 117 18.09 15.66 11.33
N GLY A 118 17.47 14.57 11.78
CA GLY A 118 17.31 13.37 10.96
C GLY A 118 15.86 12.87 10.91
N ALA A 119 15.60 11.97 9.97
CA ALA A 119 14.35 11.20 9.92
C ALA A 119 14.73 9.78 9.54
N ILE A 120 14.27 8.82 10.34
CA ILE A 120 14.57 7.38 10.16
C ILE A 120 13.50 6.84 9.21
N LEU A 121 13.94 6.39 8.03
CA LEU A 121 13.02 5.83 6.99
C LEU A 121 13.23 4.31 7.04
N ALA A 122 12.84 3.73 8.17
CA ALA A 122 13.11 2.34 8.59
C ALA A 122 12.18 1.97 9.74
N THR A 123 11.81 0.71 9.82
CA THR A 123 11.32 0.06 11.06
C THR A 123 12.55 -0.39 11.86
N PRO A 124 12.41 -0.81 13.14
CA PRO A 124 13.58 -1.16 13.94
C PRO A 124 14.41 -2.30 13.35
N ASP A 125 13.77 -3.21 12.59
CA ASP A 125 14.45 -4.42 12.06
C ASP A 125 15.42 -4.03 10.95
N PHE A 126 15.27 -2.84 10.36
CA PHE A 126 16.17 -2.36 9.27
C PHE A 126 17.38 -1.63 9.87
N ILE A 127 17.29 -1.18 11.13
CA ILE A 127 18.40 -0.39 11.73
C ILE A 127 19.60 -1.32 11.85
N GLY A 128 20.79 -0.87 11.49
CA GLY A 128 22.04 -1.66 11.61
C GLY A 128 22.21 -2.64 10.45
N THR A 129 21.41 -2.51 9.40
CA THR A 129 21.50 -3.30 8.16
C THR A 129 21.95 -2.37 7.03
N ASP A 130 22.51 -2.96 5.99
CA ASP A 130 22.98 -2.22 4.79
C ASP A 130 21.83 -1.40 4.17
N ALA A 131 20.60 -1.90 4.16
CA ALA A 131 19.45 -1.20 3.54
C ALA A 131 18.95 -0.03 4.44
N GLY A 132 19.31 -0.02 5.72
CA GLY A 132 18.84 0.99 6.69
C GLY A 132 19.04 2.39 6.19
N THR A 133 17.94 3.14 6.13
CA THR A 133 17.89 4.50 5.56
C THR A 133 17.55 5.46 6.67
N ILE A 134 18.42 6.45 6.82
CA ILE A 134 18.20 7.66 7.65
C ILE A 134 18.69 8.87 6.84
N LEU A 135 17.85 9.90 6.79
CA LEU A 135 18.11 11.22 6.19
C LEU A 135 18.64 12.18 7.27
N LEU A 136 19.69 12.94 6.98
CA LEU A 136 20.30 13.92 7.93
C LEU A 136 20.49 15.27 7.24
N SER A 137 20.14 16.34 7.94
CA SER A 137 20.28 17.72 7.41
C SER A 137 20.85 18.62 8.52
N GLY A 138 21.54 19.68 8.12
CA GLY A 138 22.39 20.49 9.01
C GLY A 138 23.79 20.61 8.43
N ALA A 139 24.64 21.39 9.12
CA ALA A 139 26.05 21.59 8.74
C ALA A 139 26.64 20.24 8.33
N LEU A 140 27.43 20.20 7.26
CA LEU A 140 28.07 18.97 6.75
C LEU A 140 29.19 18.47 7.68
N GLU A 141 29.97 19.38 8.27
CA GLU A 141 31.23 19.01 8.96
C GLU A 141 30.94 17.93 10.01
N PRO A 142 29.97 18.15 10.92
CA PRO A 142 29.64 17.16 11.96
C PRO A 142 29.38 15.74 11.43
N PHE A 143 28.69 15.61 10.30
CA PHE A 143 28.40 14.29 9.68
C PHE A 143 29.71 13.71 9.11
N ALA A 144 30.48 14.49 8.35
CA ALA A 144 31.76 14.06 7.74
C ALA A 144 32.76 13.60 8.83
N ALA A 145 32.92 14.37 9.90
CA ALA A 145 33.86 14.07 11.02
C ALA A 145 33.50 12.75 11.75
N ASN A 146 32.24 12.33 11.74
CA ASN A 146 31.75 11.20 12.59
C ASN A 146 31.04 10.17 11.72
N GLU A 147 31.49 10.01 10.48
CA GLU A 147 30.72 9.24 9.44
C GLU A 147 30.58 7.77 9.89
N ASP A 148 31.58 7.20 10.57
CA ASP A 148 31.62 5.78 10.97
C ASP A 148 30.47 5.51 11.94
N VAL A 149 30.13 6.47 12.78
CA VAL A 149 28.99 6.33 13.74
C VAL A 149 27.70 6.17 12.94
N PHE A 150 27.46 7.00 11.91
CA PHE A 150 26.20 6.95 11.17
C PHE A 150 26.18 5.64 10.38
N ARG A 151 27.35 5.21 9.88
CA ARG A 151 27.49 3.95 9.08
C ARG A 151 27.05 2.76 9.95
N ALA A 152 27.32 2.81 11.25
CA ALA A 152 26.89 1.77 12.21
C ALA A 152 25.34 1.66 12.22
N LEU A 153 24.62 2.79 12.10
CA LEU A 153 23.13 2.86 12.14
C LEU A 153 22.51 2.21 10.90
N GLY A 154 23.20 2.22 9.75
CA GLY A 154 22.69 1.65 8.48
C GLY A 154 23.61 1.97 7.30
N GLY A 155 23.52 1.22 6.21
CA GLY A 155 24.38 1.40 5.01
C GLY A 155 23.93 2.56 4.12
N ASN A 156 22.72 3.07 4.32
CA ASN A 156 22.12 4.14 3.51
C ASN A 156 21.75 5.29 4.43
N VAL A 157 22.64 5.68 5.32
CA VAL A 157 22.46 6.92 6.11
C VAL A 157 23.12 8.02 5.28
N GLN A 158 22.35 9.07 4.98
CA GLN A 158 22.63 10.06 3.89
C GLN A 158 22.52 11.47 4.46
N HIS A 159 23.53 12.30 4.22
CA HIS A 159 23.46 13.77 4.42
C HIS A 159 22.89 14.36 3.12
N ILE A 160 21.71 15.00 3.20
CA ILE A 160 20.92 15.39 2.00
C ILE A 160 20.88 16.92 1.83
N GLY A 161 21.49 17.68 2.75
CA GLY A 161 21.60 19.15 2.65
C GLY A 161 21.91 19.83 3.96
N THR A 162 22.06 21.16 3.91
CA THR A 162 22.59 22.00 5.01
C THR A 162 21.42 22.70 5.74
N GLU A 163 20.29 22.94 5.08
CA GLU A 163 19.09 23.52 5.74
C GLU A 163 18.50 22.45 6.66
N PRO A 164 18.47 22.69 7.98
CA PRO A 164 18.15 21.64 8.94
C PRO A 164 16.80 20.94 8.71
N GLY A 165 15.79 21.66 8.20
CA GLY A 165 14.41 21.15 8.06
C GLY A 165 14.22 20.19 6.88
N LEU A 166 15.24 19.89 6.09
CA LEU A 166 15.06 19.12 4.82
C LEU A 166 14.63 17.66 5.15
N ALA A 167 15.32 17.03 6.09
CA ALA A 167 15.05 15.65 6.54
C ALA A 167 13.58 15.53 6.95
N ASN A 168 13.09 16.43 7.78
CA ASN A 168 11.71 16.40 8.31
C ASN A 168 10.69 16.61 7.17
N ALA A 169 11.05 17.44 6.19
CA ALA A 169 10.15 17.78 5.05
C ALA A 169 9.98 16.56 4.13
N LEU A 170 11.08 15.91 3.80
CA LEU A 170 11.08 14.76 2.88
C LEU A 170 10.41 13.60 3.61
N ASP A 171 10.70 13.48 4.91
CA ASP A 171 10.07 12.49 5.81
C ASP A 171 8.55 12.60 5.69
N SER A 172 7.96 13.77 5.91
CA SER A 172 6.47 13.89 5.83
C SER A 172 5.96 13.35 4.48
N ALA A 173 6.72 13.51 3.41
CA ALA A 173 6.30 13.05 2.06
C ALA A 173 6.35 11.53 2.04
N VAL A 174 7.48 10.98 2.47
CA VAL A 174 7.66 9.51 2.47
C VAL A 174 6.64 8.88 3.43
N LEU A 175 6.28 9.53 4.54
CA LEU A 175 5.29 8.96 5.50
C LEU A 175 3.90 8.99 4.88
N ALA A 176 3.62 9.99 4.04
CA ALA A 176 2.31 10.10 3.35
C ALA A 176 2.15 8.89 2.42
N LEU A 177 3.24 8.48 1.77
CA LEU A 177 3.23 7.26 0.92
C LEU A 177 2.92 6.06 1.81
N MET A 178 3.61 5.95 2.94
CA MET A 178 3.44 4.80 3.87
C MET A 178 2.00 4.73 4.38
N TRP A 179 1.49 5.81 4.96
CA TRP A 179 0.09 5.90 5.44
C TRP A 179 -0.88 5.48 4.33
N GLY A 180 -0.64 5.90 3.09
CA GLY A 180 -1.50 5.54 1.96
C GLY A 180 -1.59 4.03 1.84
N ALA A 181 -0.44 3.37 1.81
CA ALA A 181 -0.33 1.90 1.64
C ALA A 181 -0.99 1.17 2.82
N LEU A 182 -0.70 1.61 4.03
CA LEU A 182 -1.19 0.98 5.30
C LEU A 182 -2.72 1.10 5.40
N PHE A 183 -3.30 2.27 5.17
CA PHE A 183 -4.78 2.43 5.26
C PHE A 183 -5.45 1.66 4.13
N GLY A 184 -4.74 1.46 3.01
CA GLY A 184 -5.22 0.56 1.96
C GLY A 184 -5.26 -0.87 2.49
N GLY A 185 -4.24 -1.22 3.26
CA GLY A 185 -4.22 -2.47 4.04
C GLY A 185 -5.41 -2.54 4.97
N LEU A 186 -5.65 -1.49 5.77
CA LEU A 186 -6.81 -1.47 6.69
C LEU A 186 -8.11 -1.70 5.90
N HIS A 187 -8.28 -1.07 4.73
CA HIS A 187 -9.43 -1.29 3.82
C HIS A 187 -9.51 -2.77 3.41
N ALA A 188 -8.41 -3.34 2.91
CA ALA A 188 -8.36 -4.75 2.41
C ALA A 188 -8.77 -5.73 3.53
N ILE A 189 -8.13 -5.58 4.69
CA ILE A 189 -8.36 -6.41 5.90
C ILE A 189 -9.85 -6.33 6.23
N ALA A 190 -10.46 -5.13 6.24
CA ALA A 190 -11.89 -4.95 6.56
C ALA A 190 -12.77 -5.68 5.53
N VAL A 191 -12.44 -5.57 4.25
CA VAL A 191 -13.19 -6.21 3.14
C VAL A 191 -13.15 -7.73 3.32
N CYS A 192 -11.95 -8.29 3.56
CA CYS A 192 -11.78 -9.76 3.74
C CYS A 192 -12.58 -10.24 4.97
N ARG A 193 -12.49 -9.52 6.11
CA ARG A 193 -13.22 -9.88 7.35
C ARG A 193 -14.72 -9.88 7.03
N ALA A 194 -15.25 -8.86 6.36
CA ALA A 194 -16.70 -8.75 6.09
C ALA A 194 -17.16 -9.83 5.08
N GLU A 195 -16.24 -10.42 4.29
CA GLU A 195 -16.60 -11.35 3.19
C GLU A 195 -16.16 -12.78 3.57
N GLU A 196 -15.66 -12.96 4.80
CA GLU A 196 -15.23 -14.27 5.36
C GLU A 196 -14.08 -14.82 4.50
N ILE A 197 -13.13 -13.96 4.17
CA ILE A 197 -11.91 -14.36 3.41
C ILE A 197 -10.77 -14.51 4.42
N ASP A 198 -10.15 -15.68 4.44
CA ASP A 198 -8.93 -15.94 5.23
C ASP A 198 -7.91 -14.82 4.99
N LEU A 199 -7.46 -14.12 6.02
CA LEU A 199 -6.46 -13.03 5.89
C LEU A 199 -5.09 -13.60 5.51
N GLY A 200 -4.79 -14.88 5.77
CA GLY A 200 -3.54 -15.50 5.26
C GLY A 200 -3.54 -15.57 3.74
N GLU A 201 -4.73 -15.67 3.13
CA GLU A 201 -4.90 -15.65 1.64
C GLU A 201 -4.62 -14.24 1.09
N LEU A 202 -5.24 -13.21 1.69
CA LEU A 202 -4.92 -11.80 1.38
C LEU A 202 -3.40 -11.59 1.47
N GLY A 203 -2.73 -12.14 2.45
CA GLY A 203 -1.28 -11.96 2.62
C GLY A 203 -0.51 -12.58 1.48
N ARG A 204 -0.98 -13.71 0.93
CA ARG A 204 -0.36 -14.37 -0.24
C ARG A 204 -0.62 -13.50 -1.48
N GLN A 205 -1.83 -12.97 -1.63
CA GLN A 205 -2.21 -12.13 -2.79
C GLN A 205 -1.36 -10.86 -2.78
N TRP A 206 -1.15 -10.22 -1.62
CA TRP A 206 -0.29 -9.02 -1.50
C TRP A 206 1.18 -9.39 -1.82
N ALA A 207 1.73 -10.51 -1.37
CA ALA A 207 3.14 -10.90 -1.69
C ALA A 207 3.31 -10.99 -3.23
N ASN A 208 2.29 -11.47 -3.95
CA ASN A 208 2.27 -11.71 -5.41
C ASN A 208 2.18 -10.39 -6.19
N THR A 209 1.38 -9.43 -5.72
CA THR A 209 1.09 -8.14 -6.42
C THR A 209 1.98 -6.98 -5.91
N ALA A 210 2.50 -7.00 -4.69
CA ALA A 210 3.37 -5.92 -4.17
C ALA A 210 4.37 -5.40 -5.20
N PRO A 211 5.15 -6.25 -5.92
CA PRO A 211 6.16 -5.74 -6.85
C PRO A 211 5.60 -4.90 -8.02
N VAL A 212 4.46 -5.34 -8.56
CA VAL A 212 3.68 -4.58 -9.58
C VAL A 212 3.31 -3.21 -8.98
N VAL A 213 2.66 -3.18 -7.82
CA VAL A 213 2.20 -1.92 -7.18
C VAL A 213 3.41 -1.01 -6.91
N GLU A 214 4.56 -1.59 -6.55
CA GLU A 214 5.79 -0.80 -6.32
C GLU A 214 6.17 -0.07 -7.61
N GLY A 215 6.10 -0.77 -8.75
CA GLY A 215 6.36 -0.23 -10.10
C GLY A 215 5.33 0.83 -10.49
N LEU A 216 4.05 0.61 -10.16
CA LEU A 216 2.98 1.59 -10.51
C LEU A 216 3.29 2.91 -9.81
N VAL A 217 3.82 2.86 -8.58
CA VAL A 217 4.11 4.06 -7.73
C VAL A 217 5.36 4.77 -8.26
N ALA A 218 6.44 4.02 -8.57
CA ALA A 218 7.68 4.58 -9.19
C ALA A 218 7.33 5.27 -10.52
N ASP A 219 6.54 4.63 -11.38
CA ASP A 219 6.08 5.18 -12.68
C ASP A 219 5.25 6.44 -12.43
N LEU A 220 4.43 6.48 -11.40
CA LEU A 220 3.57 7.68 -11.13
C LEU A 220 4.49 8.87 -10.82
N ILE A 221 5.52 8.62 -10.04
CA ILE A 221 6.49 9.67 -9.67
C ILE A 221 7.27 10.09 -10.92
N LYS A 222 7.79 9.14 -11.72
CA LYS A 222 8.67 9.45 -12.89
C LYS A 222 7.89 10.35 -13.86
N ARG A 223 6.66 9.94 -14.19
CA ARG A 223 5.75 10.65 -15.12
C ARG A 223 5.37 12.02 -14.60
N THR A 224 5.06 12.15 -13.33
CA THR A 224 4.64 13.46 -12.79
C THR A 224 5.85 14.41 -12.91
N SER A 225 7.08 13.92 -12.71
CA SER A 225 8.30 14.78 -12.73
C SER A 225 8.54 15.30 -14.17
N ALA A 226 8.10 14.56 -15.18
CA ALA A 226 8.24 14.89 -16.61
C ALA A 226 6.94 15.47 -17.21
N GLY A 227 5.91 15.74 -16.42
CA GLY A 227 4.67 16.38 -16.91
C GLY A 227 3.86 15.47 -17.84
N ARG A 228 4.06 14.15 -17.87
CA ARG A 228 3.43 13.25 -18.87
C ARG A 228 2.06 12.72 -18.41
N PHE A 229 1.07 13.60 -18.30
CA PHE A 229 -0.31 13.35 -17.82
C PHE A 229 -1.20 12.73 -18.91
N VAL A 230 -0.92 13.00 -20.18
CA VAL A 230 -1.70 12.43 -21.31
C VAL A 230 -1.23 10.98 -21.46
N SER A 231 -2.17 10.05 -21.65
CA SER A 231 -1.85 8.62 -21.87
C SER A 231 -1.00 8.50 -23.13
N ASP A 232 -0.08 7.54 -23.14
CA ASP A 232 0.74 7.21 -24.34
C ASP A 232 1.01 5.70 -24.37
N ALA A 233 1.96 5.22 -25.18
CA ALA A 233 2.25 3.79 -25.40
C ALA A 233 2.84 3.15 -24.14
N GLU A 234 3.57 3.94 -23.33
CA GLU A 234 4.31 3.49 -22.12
C GLU A 234 3.43 3.55 -20.86
N THR A 235 2.22 4.10 -20.98
CA THR A 235 1.21 4.15 -19.90
C THR A 235 1.01 2.72 -19.37
N LEU A 236 1.14 2.56 -18.04
CA LEU A 236 0.88 1.30 -17.31
C LEU A 236 -0.55 1.34 -16.77
N SER A 237 -0.99 2.51 -16.33
CA SER A 237 -2.23 2.68 -15.53
C SER A 237 -2.91 3.93 -16.05
N SER A 238 -4.14 3.78 -16.52
CA SER A 238 -4.94 4.86 -17.13
C SER A 238 -6.16 5.09 -16.24
N ILE A 239 -6.68 6.31 -16.17
CA ILE A 239 -7.72 6.67 -15.15
C ILE A 239 -9.00 5.84 -15.39
N SER A 240 -9.42 5.57 -16.63
CA SER A 240 -10.77 4.94 -16.90
C SER A 240 -10.94 3.59 -16.20
N PRO A 241 -10.05 2.58 -16.44
CA PRO A 241 -10.16 1.28 -15.78
C PRO A 241 -10.03 1.28 -14.24
N HIS A 242 -9.17 2.13 -13.68
CA HIS A 242 -9.03 2.38 -12.22
C HIS A 242 -10.41 2.82 -11.75
N TYR A 243 -10.92 3.92 -12.29
CA TYR A 243 -12.20 4.53 -11.83
C TYR A 243 -13.32 3.48 -11.90
N GLY A 244 -13.36 2.68 -12.98
CA GLY A 244 -14.42 1.68 -13.22
C GLY A 244 -14.42 0.58 -12.14
N ALA A 245 -13.26 -0.01 -11.85
CA ALA A 245 -13.08 -1.08 -10.84
C ALA A 245 -13.31 -0.53 -9.42
N PHE A 246 -12.94 0.72 -9.19
CA PHE A 246 -13.08 1.39 -7.89
C PHE A 246 -14.56 1.54 -7.53
N GLN A 247 -15.43 1.57 -8.53
CA GLN A 247 -16.90 1.59 -8.28
C GLN A 247 -17.30 0.32 -7.52
N HIS A 248 -16.67 -0.84 -7.85
CA HIS A 248 -17.05 -2.16 -7.25
C HIS A 248 -16.67 -2.17 -5.75
N LEU A 249 -15.45 -1.72 -5.41
CA LEU A 249 -14.95 -1.55 -4.01
C LEU A 249 -15.91 -0.65 -3.20
N LYS A 250 -16.27 0.53 -3.72
CA LYS A 250 -17.29 1.43 -3.11
C LYS A 250 -18.61 0.68 -2.85
N GLU A 251 -19.19 -0.05 -3.82
CA GLU A 251 -20.46 -0.76 -3.64
C GLU A 251 -20.33 -1.79 -2.50
N LEU A 252 -19.24 -2.57 -2.48
CA LEU A 252 -18.97 -3.58 -1.42
C LEU A 252 -18.92 -2.87 -0.05
N MET A 253 -18.17 -1.77 0.08
CA MET A 253 -17.98 -1.07 1.38
C MET A 253 -19.33 -0.50 1.84
N GLU A 254 -20.14 0.00 0.92
CA GLU A 254 -21.53 0.47 1.22
C GLU A 254 -22.32 -0.67 1.88
N ALA A 255 -22.35 -1.85 1.24
CA ALA A 255 -23.15 -3.04 1.66
C ALA A 255 -22.71 -3.59 3.03
N ARG A 256 -21.41 -3.54 3.35
CA ARG A 256 -20.83 -4.03 4.64
C ARG A 256 -20.69 -2.91 5.68
N ARG A 257 -21.23 -1.72 5.47
CA ARG A 257 -21.13 -0.62 6.47
C ARG A 257 -19.66 -0.40 6.86
N ILE A 258 -18.72 -0.50 5.90
CA ILE A 258 -17.29 -0.10 6.06
C ILE A 258 -17.21 1.41 5.75
N ASP A 259 -16.48 2.16 6.58
CA ASP A 259 -16.42 3.65 6.52
C ASP A 259 -15.82 4.05 5.16
N ARG A 260 -16.44 5.02 4.48
CA ARG A 260 -16.15 5.44 3.09
C ARG A 260 -15.48 6.81 3.06
N THR A 261 -15.21 7.44 4.20
CA THR A 261 -14.58 8.78 4.29
C THR A 261 -13.33 8.76 3.42
N VAL A 262 -12.48 7.73 3.50
CA VAL A 262 -11.19 7.73 2.73
C VAL A 262 -11.47 7.47 1.24
N VAL A 263 -12.28 6.48 0.90
CA VAL A 263 -12.50 6.13 -0.55
C VAL A 263 -13.27 7.27 -1.24
N ASP A 264 -14.19 7.95 -0.53
CA ASP A 264 -14.93 9.12 -1.08
C ASP A 264 -13.92 10.23 -1.41
N GLY A 265 -12.88 10.39 -0.61
CA GLY A 265 -11.66 11.17 -0.92
C GLY A 265 -11.04 10.73 -2.25
N TYR A 266 -10.75 9.43 -2.43
CA TYR A 266 -10.22 8.94 -3.73
C TYR A 266 -11.17 9.43 -4.84
N ASP A 267 -12.47 9.21 -4.63
CA ASP A 267 -13.51 9.40 -5.66
C ASP A 267 -13.59 10.87 -6.09
N ALA A 268 -13.47 11.81 -5.17
CA ALA A 268 -13.49 13.27 -5.46
C ALA A 268 -12.30 13.66 -6.34
N ILE A 269 -11.13 13.07 -6.12
CA ILE A 269 -9.94 13.35 -6.97
C ILE A 269 -10.17 12.75 -8.36
N PHE A 270 -10.62 11.50 -8.46
CA PHE A 270 -10.95 10.90 -9.78
C PHE A 270 -11.93 11.81 -10.52
N ARG A 271 -12.97 12.31 -9.86
CA ARG A 271 -14.09 13.03 -10.53
C ARG A 271 -13.64 14.41 -11.00
N ARG A 272 -12.80 15.15 -10.26
CA ARG A 272 -12.23 16.46 -10.67
C ARG A 272 -11.45 16.26 -11.98
N ALA A 273 -10.64 15.21 -12.06
CA ALA A 273 -9.83 14.94 -13.25
C ALA A 273 -10.78 14.62 -14.43
N ILE A 274 -11.83 13.82 -14.22
CA ILE A 274 -12.77 13.42 -15.31
C ILE A 274 -13.53 14.66 -15.80
N ALA A 275 -14.06 15.47 -14.88
CA ALA A 275 -14.78 16.74 -15.16
C ALA A 275 -13.89 17.68 -15.97
N SER A 276 -12.57 17.46 -15.98
CA SER A 276 -11.58 18.24 -16.75
C SER A 276 -11.10 17.50 -18.00
N GLY A 277 -11.79 16.43 -18.41
CA GLY A 277 -11.48 15.65 -19.65
C GLY A 277 -10.32 14.67 -19.55
N HIS A 278 -9.98 14.15 -18.37
CA HIS A 278 -8.82 13.25 -18.17
C HIS A 278 -9.24 11.79 -17.98
N LEU A 279 -10.50 11.47 -18.23
CA LEU A 279 -11.02 10.09 -18.09
C LEU A 279 -10.05 9.06 -18.70
N HIS A 280 -9.41 9.26 -19.84
CA HIS A 280 -8.52 8.21 -20.41
C HIS A 280 -7.06 8.69 -20.38
N ASP A 281 -6.76 9.66 -19.52
CA ASP A 281 -5.35 10.08 -19.32
C ASP A 281 -4.66 9.08 -18.39
N ASP A 282 -3.35 9.15 -18.32
CA ASP A 282 -2.51 8.44 -17.32
C ASP A 282 -2.94 8.84 -15.90
N PHE A 283 -2.83 7.89 -14.99
CA PHE A 283 -3.09 8.08 -13.54
C PHE A 283 -2.35 9.34 -13.08
N ALA A 284 -1.16 9.61 -13.62
CA ALA A 284 -0.29 10.71 -13.16
C ALA A 284 -1.04 12.05 -13.26
N ALA A 285 -2.02 12.14 -14.15
CA ALA A 285 -2.85 13.37 -14.34
C ALA A 285 -3.59 13.69 -13.05
N LEU A 286 -3.84 12.69 -12.21
CA LEU A 286 -4.55 12.96 -10.93
C LEU A 286 -3.66 13.89 -10.08
N SER A 287 -2.36 13.94 -10.32
CA SER A 287 -1.44 14.85 -9.59
C SER A 287 -1.88 16.29 -9.78
N GLN A 288 -2.68 16.61 -10.80
CA GLN A 288 -3.11 18.01 -11.04
C GLN A 288 -4.31 18.38 -10.14
N PHE A 289 -4.85 17.46 -9.34
CA PHE A 289 -6.18 17.63 -8.67
C PHE A 289 -6.12 17.35 -7.17
N MET A 290 -4.98 17.67 -6.56
CA MET A 290 -4.70 17.40 -5.13
C MET A 290 -4.92 18.68 -4.32
N GLY A 291 -5.12 19.84 -4.95
CA GLY A 291 -5.19 21.13 -4.25
C GLY A 291 -6.52 21.36 -3.54
N LYS A 292 -6.56 22.21 -2.50
CA LYS A 292 -7.78 22.55 -1.69
C LYS A 292 -8.89 23.17 -2.55
N ALA A 293 -8.63 24.29 -3.24
CA ALA A 293 -9.60 25.04 -4.10
C ALA A 293 -9.16 26.50 -4.24
N MET B 1 -6.23 -30.38 -24.44
CA MET B 1 -6.72 -29.92 -25.76
C MET B 1 -8.00 -30.69 -26.20
N LYS B 2 -8.88 -31.11 -25.27
CA LYS B 2 -10.03 -32.04 -25.55
C LYS B 2 -11.31 -31.22 -25.70
N PRO B 3 -11.97 -30.70 -24.62
CA PRO B 3 -13.31 -30.11 -24.74
C PRO B 3 -13.35 -28.75 -25.47
N SER B 4 -14.52 -28.40 -26.01
CA SER B 4 -14.70 -27.14 -26.78
C SER B 4 -15.02 -26.03 -25.78
N ILE B 5 -14.36 -24.89 -25.95
CA ILE B 5 -14.53 -23.68 -25.07
C ILE B 5 -15.09 -22.56 -25.94
N SER B 6 -16.17 -21.91 -25.49
CA SER B 6 -16.70 -20.65 -26.05
C SER B 6 -16.30 -19.46 -25.14
N VAL B 7 -15.96 -18.32 -25.74
CA VAL B 7 -15.67 -17.04 -25.03
C VAL B 7 -16.64 -15.95 -25.51
N LEU B 8 -17.47 -15.36 -24.65
CA LEU B 8 -18.35 -14.21 -25.02
C LEU B 8 -17.65 -12.92 -24.59
N GLY B 9 -17.34 -12.05 -25.58
CA GLY B 9 -16.57 -10.81 -25.42
C GLY B 9 -15.16 -10.94 -25.97
N THR B 10 -14.82 -10.18 -27.01
CA THR B 10 -13.46 -10.22 -27.62
C THR B 10 -12.87 -8.81 -27.55
N GLY B 11 -13.13 -8.11 -26.45
CA GLY B 11 -12.42 -6.89 -26.03
C GLY B 11 -10.96 -7.16 -25.81
N ARG B 12 -10.26 -6.24 -25.17
CA ARG B 12 -8.79 -6.40 -24.98
C ARG B 12 -8.55 -7.71 -24.24
N MET B 13 -9.24 -7.93 -23.12
CA MET B 13 -8.99 -9.10 -22.22
C MET B 13 -9.66 -10.37 -22.78
N GLY B 14 -10.88 -10.28 -23.33
CA GLY B 14 -11.58 -11.41 -23.96
C GLY B 14 -10.74 -12.08 -25.04
N SER B 15 -10.09 -11.25 -25.84
CA SER B 15 -9.19 -11.69 -26.94
C SER B 15 -8.05 -12.50 -26.35
N ALA B 16 -7.44 -11.99 -25.27
CA ALA B 16 -6.20 -12.59 -24.72
C ALA B 16 -6.58 -13.99 -24.24
N LEU B 17 -7.74 -14.12 -23.60
CA LEU B 17 -8.20 -15.43 -23.07
C LEU B 17 -8.35 -16.39 -24.26
N ALA B 18 -9.01 -15.94 -25.32
CA ALA B 18 -9.25 -16.74 -26.53
C ALA B 18 -7.88 -17.17 -27.09
N ARG B 19 -6.92 -16.25 -27.15
CA ARG B 19 -5.57 -16.51 -27.76
C ARG B 19 -4.87 -17.64 -27.01
N ALA B 20 -5.00 -17.64 -25.69
CA ALA B 20 -4.38 -18.60 -24.77
C ALA B 20 -5.04 -19.97 -24.92
N LEU B 21 -6.36 -20.02 -25.09
CA LEU B 21 -7.07 -21.31 -25.31
C LEU B 21 -6.58 -21.92 -26.63
N LEU B 22 -6.49 -21.11 -27.67
CA LEU B 22 -5.97 -21.57 -28.98
C LEU B 22 -4.51 -22.04 -28.87
N GLN B 23 -3.65 -21.27 -28.19
CA GLN B 23 -2.22 -21.61 -27.99
C GLN B 23 -2.10 -23.01 -27.41
N ALA B 24 -3.01 -23.38 -26.52
CA ALA B 24 -3.01 -24.68 -25.80
C ALA B 24 -3.67 -25.79 -26.65
N GLY B 25 -4.26 -25.46 -27.80
CA GLY B 25 -4.80 -26.45 -28.74
C GLY B 25 -6.27 -26.77 -28.47
N TYR B 26 -7.02 -25.89 -27.81
CA TYR B 26 -8.47 -26.05 -27.60
C TYR B 26 -9.18 -25.57 -28.86
N ARG B 27 -10.21 -26.31 -29.31
N ARG B 27 -10.20 -26.32 -29.30
CA ARG B 27 -11.20 -25.73 -30.25
CA ARG B 27 -11.22 -25.78 -30.24
C ARG B 27 -11.85 -24.59 -29.46
C ARG B 27 -11.88 -24.61 -29.49
N THR B 28 -11.74 -23.39 -30.01
CA THR B 28 -12.16 -22.12 -29.35
C THR B 28 -13.23 -21.44 -30.21
N VAL B 29 -14.42 -21.20 -29.66
CA VAL B 29 -15.54 -20.52 -30.37
C VAL B 29 -15.76 -19.14 -29.72
N VAL B 30 -15.76 -18.07 -30.49
CA VAL B 30 -15.81 -16.69 -29.94
C VAL B 30 -17.03 -15.98 -30.51
N TRP B 31 -17.51 -14.98 -29.79
CA TRP B 31 -18.63 -14.11 -30.22
C TRP B 31 -18.37 -12.74 -29.61
N ASN B 32 -18.74 -11.69 -30.33
CA ASN B 32 -18.62 -10.29 -29.88
C ASN B 32 -19.78 -9.51 -30.45
N ARG B 33 -20.34 -8.59 -29.69
CA ARG B 33 -21.44 -7.73 -30.18
C ARG B 33 -20.98 -7.05 -31.49
N THR B 34 -19.75 -6.54 -31.51
CA THR B 34 -19.14 -5.95 -32.73
C THR B 34 -18.37 -7.05 -33.49
N SER B 35 -19.01 -7.76 -34.43
CA SER B 35 -18.42 -8.87 -35.26
C SER B 35 -16.99 -8.54 -35.69
N GLU B 36 -16.79 -7.32 -36.22
CA GLU B 36 -15.50 -6.82 -36.78
C GLU B 36 -14.37 -7.10 -35.78
N LYS B 37 -14.62 -6.95 -34.48
CA LYS B 37 -13.57 -7.03 -33.43
C LYS B 37 -13.10 -8.48 -33.27
N ALA B 38 -13.90 -9.49 -33.70
CA ALA B 38 -13.64 -10.94 -33.51
C ALA B 38 -12.87 -11.53 -34.70
N GLU B 39 -12.82 -10.86 -35.86
CA GLU B 39 -12.11 -11.31 -37.09
C GLU B 39 -10.68 -11.78 -36.77
N PRO B 40 -9.82 -10.99 -36.07
CA PRO B 40 -8.41 -11.34 -35.95
C PRO B 40 -8.19 -12.72 -35.28
N LEU B 41 -9.18 -13.18 -34.49
CA LEU B 41 -9.13 -14.49 -33.79
C LEU B 41 -9.49 -15.61 -34.78
N ALA B 42 -10.27 -15.31 -35.81
CA ALA B 42 -10.56 -16.25 -36.91
C ALA B 42 -9.23 -16.63 -37.58
N ALA B 43 -8.44 -15.62 -37.95
CA ALA B 43 -7.11 -15.78 -38.58
C ALA B 43 -6.21 -16.67 -37.71
N LEU B 44 -6.48 -16.76 -36.40
CA LEU B 44 -5.62 -17.48 -35.42
C LEU B 44 -6.17 -18.88 -35.15
N GLY B 45 -7.38 -19.20 -35.64
CA GLY B 45 -7.95 -20.56 -35.57
C GLY B 45 -9.30 -20.59 -34.85
N ALA B 46 -9.76 -19.45 -34.35
CA ALA B 46 -11.08 -19.38 -33.68
C ALA B 46 -12.17 -19.59 -34.72
N THR B 47 -13.23 -20.29 -34.37
CA THR B 47 -14.53 -20.25 -35.10
C THR B 47 -15.31 -19.07 -34.54
N VAL B 48 -15.74 -18.13 -35.36
CA VAL B 48 -16.61 -17.00 -34.92
C VAL B 48 -18.07 -17.43 -35.00
N ALA B 49 -18.76 -17.52 -33.87
CA ALA B 49 -20.22 -17.72 -33.84
C ALA B 49 -20.87 -16.41 -34.29
N PRO B 50 -21.95 -16.49 -35.09
CA PRO B 50 -22.74 -15.31 -35.40
C PRO B 50 -23.67 -14.83 -34.26
N THR B 51 -24.16 -15.72 -33.41
CA THR B 51 -25.05 -15.39 -32.26
C THR B 51 -24.47 -15.97 -30.96
N VAL B 52 -24.87 -15.41 -29.83
CA VAL B 52 -24.53 -15.95 -28.48
C VAL B 52 -25.01 -17.41 -28.40
N ARG B 53 -26.31 -17.63 -28.66
CA ARG B 53 -26.94 -18.97 -28.55
C ARG B 53 -26.11 -20.00 -29.34
N GLN B 54 -25.56 -19.63 -30.48
CA GLN B 54 -24.77 -20.57 -31.32
C GLN B 54 -23.45 -20.85 -30.63
N ALA B 55 -22.83 -19.85 -29.99
CA ALA B 55 -21.52 -19.97 -29.31
C ALA B 55 -21.69 -20.87 -28.09
N ILE B 56 -22.80 -20.70 -27.39
CA ILE B 56 -23.17 -21.47 -26.18
C ILE B 56 -23.48 -22.92 -26.55
N ASP B 57 -24.11 -23.20 -27.71
CA ASP B 57 -24.47 -24.57 -28.16
C ASP B 57 -23.23 -25.33 -28.64
N ALA B 58 -22.21 -24.63 -29.15
CA ALA B 58 -20.97 -25.24 -29.70
C ALA B 58 -20.10 -25.87 -28.61
N SER B 59 -20.23 -25.43 -27.36
CA SER B 59 -19.24 -25.76 -26.29
C SER B 59 -19.95 -26.18 -24.99
N GLY B 60 -19.27 -26.93 -24.13
CA GLY B 60 -19.77 -27.32 -22.81
C GLY B 60 -19.38 -26.29 -21.74
N ILE B 61 -18.40 -25.44 -22.05
CA ILE B 61 -17.77 -24.43 -21.13
C ILE B 61 -17.89 -23.06 -21.82
N VAL B 62 -18.45 -22.10 -21.12
CA VAL B 62 -18.66 -20.73 -21.65
C VAL B 62 -17.92 -19.75 -20.73
N ILE B 63 -16.81 -19.18 -21.18
CA ILE B 63 -16.09 -18.09 -20.46
C ILE B 63 -16.71 -16.79 -20.92
N VAL B 64 -17.28 -15.99 -20.02
CA VAL B 64 -17.83 -14.62 -20.28
C VAL B 64 -16.80 -13.58 -19.81
N ASN B 65 -16.45 -12.62 -20.66
CA ASN B 65 -15.52 -11.53 -20.28
C ASN B 65 -15.96 -10.23 -20.98
N VAL B 66 -16.96 -9.57 -20.42
CA VAL B 66 -17.51 -8.30 -20.93
C VAL B 66 -17.22 -7.17 -19.92
N SER B 67 -17.87 -6.03 -20.08
CA SER B 67 -17.55 -4.79 -19.33
C SER B 67 -17.99 -4.95 -17.88
N ASP B 68 -19.24 -5.35 -17.66
CA ASP B 68 -19.89 -5.33 -16.34
C ASP B 68 -21.00 -6.41 -16.31
N TYR B 69 -21.59 -6.65 -15.14
CA TYR B 69 -22.50 -7.81 -14.92
C TYR B 69 -23.85 -7.51 -15.61
N ALA B 70 -24.22 -6.22 -15.71
CA ALA B 70 -25.43 -5.72 -16.41
C ALA B 70 -25.40 -6.20 -17.87
N ALA B 71 -24.20 -6.18 -18.47
CA ALA B 71 -23.92 -6.69 -19.83
C ALA B 71 -24.13 -8.21 -19.91
N THR B 72 -23.48 -8.94 -19.01
CA THR B 72 -23.63 -10.42 -18.95
C THR B 72 -25.12 -10.76 -18.90
N SER B 73 -25.90 -10.03 -18.09
CA SER B 73 -27.37 -10.22 -17.93
C SER B 73 -28.08 -10.08 -19.28
N THR B 74 -27.86 -8.96 -19.97
CA THR B 74 -28.40 -8.72 -21.34
C THR B 74 -28.22 -9.97 -22.19
N LEU B 75 -26.98 -10.48 -22.24
CA LEU B 75 -26.56 -11.63 -23.11
C LEU B 75 -27.25 -12.95 -22.71
N LEU B 76 -27.20 -13.33 -21.42
CA LEU B 76 -27.54 -14.69 -20.92
C LEU B 76 -29.02 -14.84 -20.61
N ARG B 77 -29.72 -13.74 -20.31
CA ARG B 77 -31.13 -13.78 -19.84
C ARG B 77 -32.11 -13.56 -20.99
N ALA B 78 -31.60 -13.34 -22.21
CA ALA B 78 -32.41 -13.19 -23.44
C ALA B 78 -33.15 -14.51 -23.70
N SER B 79 -34.46 -14.43 -24.02
CA SER B 79 -35.38 -15.58 -24.31
C SER B 79 -34.69 -16.60 -25.22
N ASP B 80 -33.94 -16.17 -26.23
CA ASP B 80 -33.39 -17.07 -27.28
C ASP B 80 -32.08 -17.76 -26.80
N VAL B 81 -31.52 -17.38 -25.65
CA VAL B 81 -30.19 -17.84 -25.11
C VAL B 81 -30.39 -18.76 -23.89
N THR B 82 -31.13 -18.30 -22.90
CA THR B 82 -31.32 -18.94 -21.54
C THR B 82 -31.48 -20.46 -21.63
N PRO B 83 -32.44 -21.01 -22.43
CA PRO B 83 -32.70 -22.44 -22.46
C PRO B 83 -31.45 -23.24 -22.91
N GLY B 84 -30.49 -22.58 -23.53
CA GLY B 84 -29.26 -23.21 -24.03
C GLY B 84 -28.20 -23.39 -22.96
N LEU B 85 -28.40 -22.81 -21.77
CA LEU B 85 -27.41 -22.83 -20.66
C LEU B 85 -27.45 -24.15 -19.88
N ARG B 86 -28.48 -24.97 -20.07
CA ARG B 86 -28.65 -26.29 -19.39
C ARG B 86 -27.41 -27.18 -19.55
N GLY B 87 -26.83 -27.64 -18.45
CA GLY B 87 -25.69 -28.57 -18.47
C GLY B 87 -24.38 -27.89 -18.78
N LYS B 88 -24.34 -26.56 -18.86
CA LYS B 88 -23.11 -25.81 -19.22
C LYS B 88 -22.35 -25.46 -17.95
N LEU B 89 -21.04 -25.32 -18.06
CA LEU B 89 -20.21 -24.62 -17.05
C LEU B 89 -20.03 -23.17 -17.53
N ILE B 90 -20.67 -22.21 -16.83
CA ILE B 90 -20.47 -20.76 -17.10
C ILE B 90 -19.37 -20.24 -16.17
N VAL B 91 -18.37 -19.58 -16.74
CA VAL B 91 -17.20 -19.04 -16.02
C VAL B 91 -17.19 -17.53 -16.25
N GLU B 92 -17.74 -16.78 -15.32
CA GLU B 92 -17.92 -15.31 -15.42
C GLU B 92 -16.60 -14.67 -14.99
N LEU B 93 -15.74 -14.26 -15.94
CA LEU B 93 -14.45 -13.61 -15.62
C LEU B 93 -14.58 -12.09 -15.69
N THR B 94 -15.79 -11.55 -15.82
CA THR B 94 -15.95 -10.07 -15.81
C THR B 94 -15.72 -9.58 -14.37
N SER B 95 -15.22 -8.35 -14.18
CA SER B 95 -15.14 -7.63 -12.88
C SER B 95 -16.54 -7.27 -12.36
N GLY B 96 -16.73 -7.45 -11.05
CA GLY B 96 -18.00 -7.16 -10.37
C GLY B 96 -17.88 -7.20 -8.84
N THR B 97 -19.03 -7.09 -8.20
CA THR B 97 -19.19 -7.10 -6.73
C THR B 97 -19.46 -8.54 -6.29
N PRO B 98 -19.18 -8.87 -5.02
CA PRO B 98 -19.59 -10.16 -4.47
C PRO B 98 -21.10 -10.40 -4.63
N GLU B 99 -21.96 -9.38 -4.45
CA GLU B 99 -23.42 -9.58 -4.61
C GLU B 99 -23.73 -10.02 -6.03
N GLY B 100 -23.11 -9.38 -7.01
CA GLY B 100 -23.23 -9.73 -8.44
C GLY B 100 -22.87 -11.19 -8.66
N ALA B 101 -21.74 -11.63 -8.07
CA ALA B 101 -21.35 -13.05 -8.18
C ALA B 101 -22.51 -13.91 -7.63
N ARG B 102 -23.04 -13.54 -6.46
CA ARG B 102 -24.05 -14.34 -5.73
C ARG B 102 -25.36 -14.38 -6.54
N GLU B 103 -25.79 -13.24 -7.06
CA GLU B 103 -27.01 -13.10 -7.88
C GLU B 103 -26.86 -13.98 -9.14
N THR B 104 -25.67 -14.02 -9.74
CA THR B 104 -25.40 -14.81 -10.95
C THR B 104 -25.37 -16.30 -10.59
N SER B 105 -24.78 -16.66 -9.45
CA SER B 105 -24.75 -18.07 -8.98
C SER B 105 -26.19 -18.60 -8.82
N GLN B 106 -27.06 -17.83 -8.15
CA GLN B 106 -28.47 -18.22 -7.90
C GLN B 106 -29.12 -18.48 -9.25
N TRP B 107 -29.02 -17.48 -10.13
CA TRP B 107 -29.73 -17.46 -11.43
C TRP B 107 -29.24 -18.59 -12.33
N THR B 108 -27.94 -18.79 -12.43
CA THR B 108 -27.32 -19.81 -13.31
C THR B 108 -27.80 -21.20 -12.88
N ALA B 109 -27.82 -21.47 -11.57
CA ALA B 109 -28.28 -22.75 -10.97
C ALA B 109 -29.77 -22.98 -11.29
N ALA B 110 -30.59 -21.92 -11.26
CA ALA B 110 -32.06 -22.01 -11.46
C ALA B 110 -32.34 -22.40 -12.92
N HIS B 111 -31.37 -22.19 -13.81
CA HIS B 111 -31.53 -22.42 -15.27
C HIS B 111 -30.65 -23.60 -15.66
N GLY B 112 -30.17 -24.38 -14.68
CA GLY B 112 -29.57 -25.71 -14.90
C GLY B 112 -28.12 -25.69 -15.34
N ALA B 113 -27.36 -24.61 -15.06
CA ALA B 113 -25.93 -24.50 -15.38
C ALA B 113 -25.07 -24.52 -14.11
N ARG B 114 -23.88 -25.12 -14.20
CA ARG B 114 -22.81 -25.09 -13.15
C ARG B 114 -22.14 -23.69 -13.24
N TYR B 115 -21.49 -23.18 -12.18
CA TYR B 115 -20.98 -21.78 -12.17
C TYR B 115 -19.64 -21.65 -11.45
N LEU B 116 -18.82 -20.80 -12.03
CA LEU B 116 -17.57 -20.31 -11.41
C LEU B 116 -17.55 -18.80 -11.64
N ASP B 117 -17.20 -18.05 -10.62
CA ASP B 117 -17.02 -16.58 -10.76
C ASP B 117 -15.53 -16.30 -10.55
N GLY B 118 -14.94 -15.48 -11.41
CA GLY B 118 -13.50 -15.18 -11.37
C GLY B 118 -13.21 -13.69 -11.39
N ALA B 119 -11.97 -13.32 -11.03
CA ALA B 119 -11.40 -11.97 -11.18
C ALA B 119 -9.98 -12.13 -11.70
N ILE B 120 -9.65 -11.42 -12.78
CA ILE B 120 -8.32 -11.54 -13.44
C ILE B 120 -7.42 -10.48 -12.79
N LEU B 121 -6.35 -10.90 -12.13
CA LEU B 121 -5.32 -9.97 -11.60
C LEU B 121 -4.12 -9.99 -12.53
N ALA B 122 -4.35 -9.56 -13.77
CA ALA B 122 -3.37 -9.61 -14.88
C ALA B 122 -3.80 -8.61 -15.97
N THR B 123 -2.82 -8.08 -16.70
CA THR B 123 -3.04 -7.32 -17.96
C THR B 123 -3.16 -8.37 -19.07
N PRO B 124 -3.71 -8.06 -20.25
CA PRO B 124 -3.81 -9.05 -21.32
C PRO B 124 -2.50 -9.74 -21.71
N ASP B 125 -1.39 -9.03 -21.60
CA ASP B 125 -0.01 -9.48 -21.95
C ASP B 125 0.38 -10.69 -21.13
N PHE B 126 -0.13 -10.82 -19.89
CA PHE B 126 0.32 -11.87 -18.94
C PHE B 126 -0.67 -13.04 -18.94
N ILE B 127 -1.78 -12.92 -19.68
CA ILE B 127 -2.68 -14.08 -19.87
C ILE B 127 -1.92 -15.12 -20.69
N GLY B 128 -1.97 -16.40 -20.29
CA GLY B 128 -1.31 -17.51 -21.01
C GLY B 128 0.17 -17.62 -20.68
N THR B 129 0.63 -16.90 -19.65
CA THR B 129 2.01 -16.98 -19.12
C THR B 129 1.96 -17.64 -17.73
N ASP B 130 3.10 -18.14 -17.25
CA ASP B 130 3.20 -18.80 -15.92
C ASP B 130 2.78 -17.81 -14.81
N ALA B 131 3.09 -16.53 -14.96
CA ALA B 131 2.77 -15.47 -13.96
C ALA B 131 1.26 -15.13 -13.97
N GLY B 132 0.52 -15.44 -15.02
CA GLY B 132 -0.89 -15.05 -15.19
C GLY B 132 -1.73 -15.47 -13.99
N THR B 133 -2.38 -14.50 -13.34
CA THR B 133 -3.11 -14.70 -12.08
C THR B 133 -4.60 -14.49 -12.31
N ILE B 134 -5.40 -15.49 -11.95
CA ILE B 134 -6.89 -15.45 -11.92
C ILE B 134 -7.38 -16.17 -10.66
N LEU B 135 -8.31 -15.53 -9.95
CA LEU B 135 -8.99 -16.00 -8.73
C LEU B 135 -10.36 -16.54 -9.16
N LEU B 136 -10.75 -17.71 -8.66
CA LEU B 136 -12.05 -18.36 -8.99
C LEU B 136 -12.74 -18.81 -7.71
N SER B 137 -14.05 -18.69 -7.66
CA SER B 137 -14.87 -19.16 -6.53
C SER B 137 -16.17 -19.78 -7.05
N GLY B 138 -16.82 -20.62 -6.22
CA GLY B 138 -17.93 -21.52 -6.60
C GLY B 138 -17.59 -22.99 -6.29
N ALA B 139 -18.57 -23.88 -6.51
CA ALA B 139 -18.38 -25.34 -6.38
C ALA B 139 -17.00 -25.74 -6.94
N LEU B 140 -16.29 -26.61 -6.24
CA LEU B 140 -14.91 -27.05 -6.55
C LEU B 140 -14.93 -28.04 -7.71
N GLU B 141 -15.94 -28.91 -7.79
CA GLU B 141 -15.89 -30.05 -8.74
C GLU B 141 -15.65 -29.52 -10.17
N PRO B 142 -16.45 -28.53 -10.63
CA PRO B 142 -16.27 -27.97 -11.97
C PRO B 142 -14.84 -27.48 -12.28
N PHE B 143 -14.16 -26.87 -11.32
CA PHE B 143 -12.76 -26.40 -11.50
C PHE B 143 -11.84 -27.64 -11.57
N ALA B 144 -11.96 -28.57 -10.62
CA ALA B 144 -11.10 -29.78 -10.54
C ALA B 144 -11.26 -30.62 -11.82
N ALA B 145 -12.50 -30.86 -12.30
CA ALA B 145 -12.77 -31.63 -13.54
C ALA B 145 -12.14 -30.99 -14.80
N ASN B 146 -11.92 -29.68 -14.84
CA ASN B 146 -11.52 -28.94 -16.07
C ASN B 146 -10.23 -28.14 -15.80
N GLU B 147 -9.36 -28.65 -14.94
CA GLU B 147 -8.24 -27.85 -14.41
C GLU B 147 -7.26 -27.48 -15.53
N ASP B 148 -7.10 -28.34 -16.55
CA ASP B 148 -6.18 -28.08 -17.71
C ASP B 148 -6.61 -26.81 -18.45
N VAL B 149 -7.91 -26.55 -18.53
CA VAL B 149 -8.44 -25.32 -19.20
C VAL B 149 -7.94 -24.10 -18.42
N PHE B 150 -8.04 -24.11 -17.11
CA PHE B 150 -7.65 -22.92 -16.30
C PHE B 150 -6.14 -22.76 -16.38
N ARG B 151 -5.42 -23.88 -16.45
CA ARG B 151 -3.93 -23.88 -16.57
C ARG B 151 -3.53 -23.18 -17.89
N ALA B 152 -4.32 -23.33 -18.92
CA ALA B 152 -4.07 -22.69 -20.23
C ALA B 152 -4.11 -21.16 -20.08
N LEU B 153 -4.99 -20.63 -19.22
CA LEU B 153 -5.21 -19.16 -19.06
C LEU B 153 -4.05 -18.54 -18.29
N GLY B 154 -3.35 -19.30 -17.43
CA GLY B 154 -2.16 -18.82 -16.71
C GLY B 154 -1.67 -19.84 -15.71
N GLY B 155 -0.40 -19.73 -15.25
CA GLY B 155 0.20 -20.69 -14.29
C GLY B 155 -0.27 -20.50 -12.86
N ASN B 156 -0.87 -19.34 -12.56
CA ASN B 156 -1.24 -18.90 -11.19
C ASN B 156 -2.74 -18.65 -11.15
N VAL B 157 -3.53 -19.51 -11.79
CA VAL B 157 -5.01 -19.57 -11.66
C VAL B 157 -5.30 -20.46 -10.45
N GLN B 158 -6.14 -19.95 -9.55
CA GLN B 158 -6.35 -20.51 -8.20
C GLN B 158 -7.85 -20.52 -7.90
N HIS B 159 -8.36 -21.64 -7.41
CA HIS B 159 -9.69 -21.74 -6.77
C HIS B 159 -9.49 -21.44 -5.28
N ILE B 160 -10.16 -20.42 -4.75
CA ILE B 160 -9.91 -19.83 -3.40
C ILE B 160 -11.07 -20.12 -2.44
N GLY B 161 -12.17 -20.70 -2.94
CA GLY B 161 -13.25 -21.19 -2.08
C GLY B 161 -14.53 -21.44 -2.83
N THR B 162 -15.58 -21.74 -2.08
CA THR B 162 -16.86 -22.31 -2.53
C THR B 162 -17.92 -21.21 -2.57
N GLU B 163 -17.83 -20.18 -1.72
CA GLU B 163 -18.80 -19.06 -1.73
C GLU B 163 -18.49 -18.22 -2.99
N PRO B 164 -19.45 -18.11 -3.92
CA PRO B 164 -19.16 -17.53 -5.23
C PRO B 164 -18.55 -16.12 -5.22
N GLY B 165 -18.94 -15.26 -4.28
CA GLY B 165 -18.47 -13.85 -4.21
C GLY B 165 -17.03 -13.67 -3.76
N LEU B 166 -16.29 -14.73 -3.41
CA LEU B 166 -14.92 -14.60 -2.82
C LEU B 166 -13.98 -13.90 -3.82
N ALA B 167 -14.01 -14.32 -5.07
CA ALA B 167 -13.08 -13.84 -6.12
C ALA B 167 -13.25 -12.33 -6.26
N ASN B 168 -14.48 -11.84 -6.37
CA ASN B 168 -14.76 -10.40 -6.58
C ASN B 168 -14.31 -9.61 -5.34
N ALA B 169 -14.53 -10.19 -4.16
CA ALA B 169 -14.22 -9.55 -2.85
C ALA B 169 -12.72 -9.45 -2.66
N LEU B 170 -12.00 -10.52 -2.95
CA LEU B 170 -10.54 -10.58 -2.76
C LEU B 170 -9.90 -9.64 -3.78
N ASP B 171 -10.43 -9.63 -4.99
CA ASP B 171 -10.03 -8.66 -6.04
C ASP B 171 -10.14 -7.21 -5.50
N SER B 172 -11.34 -6.81 -5.08
CA SER B 172 -11.55 -5.43 -4.56
C SER B 172 -10.54 -5.16 -3.44
N ALA B 173 -10.22 -6.19 -2.63
CA ALA B 173 -9.34 -6.01 -1.47
C ALA B 173 -7.92 -5.76 -1.95
N VAL B 174 -7.45 -6.56 -2.91
CA VAL B 174 -6.07 -6.43 -3.47
C VAL B 174 -5.96 -5.05 -4.15
N LEU B 175 -7.03 -4.61 -4.83
CA LEU B 175 -6.99 -3.28 -5.52
C LEU B 175 -6.98 -2.15 -4.47
N ALA B 176 -7.61 -2.37 -3.30
CA ALA B 176 -7.67 -1.38 -2.22
C ALA B 176 -6.25 -1.14 -1.70
N LEU B 177 -5.44 -2.20 -1.62
CA LEU B 177 -4.00 -2.08 -1.27
C LEU B 177 -3.31 -1.22 -2.31
N MET B 178 -3.58 -1.47 -3.60
CA MET B 178 -2.90 -0.77 -4.72
C MET B 178 -3.26 0.71 -4.69
N TRP B 179 -4.56 1.01 -4.68
CA TRP B 179 -5.07 2.40 -4.63
C TRP B 179 -4.49 3.13 -3.42
N GLY B 180 -4.34 2.46 -2.28
CA GLY B 180 -3.78 3.03 -1.06
C GLY B 180 -2.39 3.54 -1.33
N ALA B 181 -1.56 2.73 -1.98
CA ALA B 181 -0.15 3.07 -2.31
C ALA B 181 -0.14 4.23 -3.33
N LEU B 182 -1.00 4.19 -4.34
CA LEU B 182 -1.02 5.22 -5.43
C LEU B 182 -1.48 6.59 -4.91
N PHE B 183 -2.60 6.67 -4.20
CA PHE B 183 -3.07 7.96 -3.61
C PHE B 183 -2.07 8.46 -2.54
N GLY B 184 -1.33 7.54 -1.93
CA GLY B 184 -0.21 7.91 -1.06
C GLY B 184 0.86 8.59 -1.88
N GLY B 185 1.09 8.05 -3.07
CA GLY B 185 2.00 8.66 -4.06
C GLY B 185 1.53 10.05 -4.38
N LEU B 186 0.24 10.20 -4.67
CA LEU B 186 -0.33 11.53 -4.99
C LEU B 186 -0.07 12.48 -3.83
N HIS B 187 -0.29 12.03 -2.58
CA HIS B 187 -0.04 12.86 -1.36
C HIS B 187 1.45 13.23 -1.28
N ALA B 188 2.37 12.28 -1.47
CA ALA B 188 3.83 12.47 -1.32
C ALA B 188 4.32 13.49 -2.33
N ILE B 189 3.92 13.30 -3.60
CA ILE B 189 4.23 14.23 -4.74
C ILE B 189 3.81 15.63 -4.30
N ALA B 190 2.54 15.78 -3.85
CA ALA B 190 1.96 17.10 -3.49
C ALA B 190 2.81 17.77 -2.39
N VAL B 191 3.17 17.01 -1.37
CA VAL B 191 4.03 17.50 -0.26
C VAL B 191 5.38 17.96 -0.84
N CYS B 192 5.99 17.20 -1.75
CA CYS B 192 7.28 17.56 -2.37
C CYS B 192 7.17 18.89 -3.14
N ARG B 193 6.10 19.05 -3.94
CA ARG B 193 5.86 20.28 -4.73
C ARG B 193 5.72 21.46 -3.76
N ALA B 194 4.95 21.32 -2.69
CA ALA B 194 4.74 22.43 -1.73
C ALA B 194 6.03 22.76 -0.95
N GLU B 195 7.00 21.85 -0.84
CA GLU B 195 8.23 22.07 -0.02
C GLU B 195 9.44 22.26 -0.95
N GLU B 196 9.20 22.34 -2.26
CA GLU B 196 10.21 22.60 -3.32
C GLU B 196 11.25 21.47 -3.27
N ILE B 197 10.75 20.24 -3.16
CA ILE B 197 11.59 19.00 -3.20
C ILE B 197 11.54 18.45 -4.63
N ASP B 198 12.72 18.26 -5.22
CA ASP B 198 12.85 17.61 -6.55
C ASP B 198 12.11 16.27 -6.46
N LEU B 199 11.18 15.98 -7.38
CA LEU B 199 10.44 14.69 -7.40
C LEU B 199 11.40 13.54 -7.77
N GLY B 200 12.53 13.80 -8.42
CA GLY B 200 13.59 12.79 -8.60
C GLY B 200 14.13 12.27 -7.27
N GLU B 201 14.14 13.13 -6.24
CA GLU B 201 14.59 12.78 -4.86
C GLU B 201 13.57 11.86 -4.20
N LEU B 202 12.29 12.25 -4.22
CA LEU B 202 11.18 11.35 -3.79
C LEU B 202 11.32 9.99 -4.47
N GLY B 203 11.64 9.96 -5.76
CA GLY B 203 11.75 8.70 -6.52
C GLY B 203 12.88 7.83 -6.01
N ARG B 204 14.00 8.44 -5.62
CA ARG B 204 15.16 7.69 -5.04
C ARG B 204 14.78 7.20 -3.65
N GLN B 205 14.10 8.04 -2.86
CA GLN B 205 13.68 7.66 -1.50
C GLN B 205 12.69 6.50 -1.58
N TRP B 206 11.75 6.50 -2.49
CA TRP B 206 10.83 5.34 -2.68
C TRP B 206 11.58 4.05 -3.06
N ALA B 207 12.58 4.09 -3.92
CA ALA B 207 13.38 2.88 -4.27
C ALA B 207 14.07 2.34 -3.00
N ASN B 208 14.50 3.22 -2.10
CA ASN B 208 15.23 2.91 -0.83
C ASN B 208 14.28 2.27 0.21
N THR B 209 13.05 2.79 0.36
CA THR B 209 12.12 2.50 1.47
C THR B 209 10.91 1.65 1.01
N ALA B 210 10.67 1.40 -0.26
CA ALA B 210 9.53 0.51 -0.65
C ALA B 210 9.51 -0.78 0.18
N PRO B 211 10.65 -1.49 0.42
CA PRO B 211 10.63 -2.70 1.26
C PRO B 211 10.19 -2.47 2.71
N VAL B 212 10.54 -1.33 3.30
CA VAL B 212 10.08 -0.94 4.66
C VAL B 212 8.55 -0.86 4.66
N VAL B 213 7.99 -0.18 3.69
CA VAL B 213 6.50 -0.06 3.56
C VAL B 213 5.92 -1.46 3.32
N GLU B 214 6.59 -2.29 2.53
CA GLU B 214 6.02 -3.61 2.11
C GLU B 214 5.94 -4.51 3.35
N GLY B 215 6.96 -4.48 4.19
CA GLY B 215 7.04 -5.17 5.49
C GLY B 215 5.99 -4.65 6.45
N LEU B 216 5.78 -3.33 6.55
CA LEU B 216 4.73 -2.78 7.44
C LEU B 216 3.38 -3.38 7.03
N VAL B 217 3.10 -3.52 5.74
CA VAL B 217 1.78 -3.97 5.18
C VAL B 217 1.63 -5.47 5.43
N ALA B 218 2.63 -6.28 5.09
CA ALA B 218 2.68 -7.73 5.33
C ALA B 218 2.45 -8.01 6.83
N ASP B 219 3.20 -7.32 7.70
CA ASP B 219 3.11 -7.45 9.18
C ASP B 219 1.68 -7.08 9.62
N LEU B 220 1.07 -6.05 9.03
CA LEU B 220 -0.30 -5.62 9.45
C LEU B 220 -1.30 -6.73 9.11
N ILE B 221 -1.12 -7.37 7.96
CA ILE B 221 -2.01 -8.47 7.53
C ILE B 221 -1.78 -9.68 8.45
N LYS B 222 -0.51 -10.04 8.74
CA LYS B 222 -0.23 -11.27 9.51
C LYS B 222 -0.87 -11.14 10.90
N ARG B 223 -0.62 -10.02 11.55
CA ARG B 223 -1.16 -9.70 12.91
C ARG B 223 -2.69 -9.63 12.92
N THR B 224 -3.30 -9.02 11.93
CA THR B 224 -4.78 -8.91 11.91
C THR B 224 -5.36 -10.32 11.86
N SER B 225 -4.69 -11.24 11.13
CA SER B 225 -5.22 -12.62 10.92
C SER B 225 -5.21 -13.39 12.25
N ALA B 226 -4.29 -13.04 13.16
CA ALA B 226 -4.14 -13.68 14.49
C ALA B 226 -4.74 -12.81 15.61
N GLY B 227 -5.39 -11.68 15.33
CA GLY B 227 -6.01 -10.86 16.39
C GLY B 227 -4.98 -10.16 17.28
N ARG B 228 -3.74 -9.97 16.85
CA ARG B 228 -2.68 -9.41 17.73
C ARG B 228 -2.61 -7.88 17.74
N PHE B 229 -3.62 -7.23 18.34
CA PHE B 229 -3.74 -5.75 18.42
C PHE B 229 -2.94 -5.13 19.58
N VAL B 230 -2.64 -5.89 20.62
CA VAL B 230 -1.79 -5.44 21.76
C VAL B 230 -0.35 -5.37 21.27
N SER B 231 0.35 -4.26 21.50
CA SER B 231 1.80 -4.14 21.17
C SER B 231 2.55 -5.20 21.95
N ASP B 232 3.58 -5.79 21.35
CA ASP B 232 4.45 -6.82 21.98
C ASP B 232 5.88 -6.65 21.48
N ALA B 233 6.74 -7.63 21.68
CA ALA B 233 8.20 -7.56 21.41
C ALA B 233 8.46 -7.50 19.90
N GLU B 234 7.56 -8.10 19.10
CA GLU B 234 7.67 -8.25 17.63
C GLU B 234 7.03 -7.04 16.90
N THR B 235 6.38 -6.13 17.64
CA THR B 235 5.70 -4.94 17.07
C THR B 235 6.75 -4.11 16.31
N LEU B 236 6.43 -3.66 15.10
CA LEU B 236 7.34 -2.80 14.27
C LEU B 236 7.12 -1.34 14.62
N SER B 237 5.84 -0.99 14.81
CA SER B 237 5.41 0.38 15.16
C SER B 237 4.05 0.32 15.82
N SER B 238 3.72 1.37 16.56
CA SER B 238 2.49 1.41 17.38
C SER B 238 1.75 2.72 17.09
N ILE B 239 0.51 2.82 17.53
CA ILE B 239 -0.41 3.93 17.21
C ILE B 239 0.16 5.28 17.68
N SER B 240 0.77 5.42 18.85
CA SER B 240 1.10 6.79 19.39
C SER B 240 2.08 7.53 18.47
N PRO B 241 3.27 6.95 18.13
CA PRO B 241 4.23 7.61 17.22
C PRO B 241 3.74 7.83 15.77
N HIS B 242 2.94 6.91 15.20
CA HIS B 242 2.18 7.15 13.95
C HIS B 242 1.34 8.43 14.13
N TYR B 243 0.42 8.47 15.09
CA TYR B 243 -0.48 9.64 15.23
C TYR B 243 0.30 10.94 15.46
N GLY B 244 1.44 10.87 16.16
CA GLY B 244 2.32 12.03 16.43
C GLY B 244 2.89 12.63 15.16
N ALA B 245 3.51 11.80 14.30
CA ALA B 245 4.10 12.19 12.98
C ALA B 245 3.00 12.61 12.01
N PHE B 246 1.85 11.96 12.03
CA PHE B 246 0.69 12.28 11.16
C PHE B 246 0.17 13.68 11.49
N GLN B 247 0.35 14.15 12.71
CA GLN B 247 -0.01 15.56 13.07
C GLN B 247 0.79 16.53 12.19
N HIS B 248 2.06 16.24 11.91
CA HIS B 248 2.98 17.15 11.16
C HIS B 248 2.50 17.26 9.71
N LEU B 249 2.15 16.14 9.08
CA LEU B 249 1.57 16.04 7.71
C LEU B 249 0.25 16.81 7.62
N LYS B 250 -0.69 16.62 8.55
CA LYS B 250 -1.95 17.43 8.66
C LYS B 250 -1.63 18.94 8.69
N GLU B 251 -0.72 19.39 9.57
CA GLU B 251 -0.36 20.84 9.69
C GLU B 251 0.21 21.35 8.36
N LEU B 252 1.14 20.61 7.74
CA LEU B 252 1.75 20.95 6.44
C LEU B 252 0.65 21.08 5.37
N MET B 253 -0.27 20.12 5.25
CA MET B 253 -1.32 20.15 4.21
C MET B 253 -2.27 21.32 4.45
N GLU B 254 -2.57 21.67 5.69
CA GLU B 254 -3.36 22.89 6.04
C GLU B 254 -2.65 24.14 5.46
N ALA B 255 -1.35 24.30 5.76
CA ALA B 255 -0.51 25.49 5.43
C ALA B 255 -0.32 25.67 3.91
N ARG B 256 -0.20 24.58 3.15
CA ARG B 256 0.02 24.60 1.69
C ARG B 256 -1.29 24.31 0.95
N ARG B 257 -2.46 24.42 1.61
CA ARG B 257 -3.76 24.37 0.88
C ARG B 257 -3.85 23.08 0.03
N ILE B 258 -3.34 21.94 0.53
CA ILE B 258 -3.51 20.57 -0.06
C ILE B 258 -4.81 19.99 0.51
N ASP B 259 -5.65 19.39 -0.34
CA ASP B 259 -6.99 18.81 0.03
C ASP B 259 -6.78 17.72 1.09
N ARG B 260 -7.60 17.75 2.15
CA ARG B 260 -7.44 16.94 3.39
C ARG B 260 -8.53 15.88 3.51
N THR B 261 -9.41 15.75 2.52
CA THR B 261 -10.58 14.81 2.58
C THR B 261 -10.03 13.43 2.96
N VAL B 262 -8.94 12.98 2.32
CA VAL B 262 -8.37 11.62 2.57
C VAL B 262 -7.73 11.53 3.97
N VAL B 263 -6.85 12.46 4.32
CA VAL B 263 -6.10 12.40 5.62
C VAL B 263 -7.09 12.55 6.78
N ASP B 264 -8.17 13.35 6.64
CA ASP B 264 -9.18 13.50 7.71
C ASP B 264 -9.85 12.14 7.96
N GLY B 265 -10.04 11.35 6.90
CA GLY B 265 -10.42 9.92 7.00
C GLY B 265 -9.42 9.16 7.88
N TYR B 266 -8.13 9.26 7.61
CA TYR B 266 -7.11 8.60 8.46
C TYR B 266 -7.35 9.04 9.89
N ASP B 267 -7.51 10.35 10.09
CA ASP B 267 -7.55 11.00 11.43
C ASP B 267 -8.72 10.46 12.27
N ALA B 268 -9.89 10.28 11.66
CA ALA B 268 -11.09 9.74 12.34
C ALA B 268 -10.83 8.32 12.86
N ILE B 269 -10.12 7.50 12.08
CA ILE B 269 -9.81 6.10 12.48
C ILE B 269 -8.79 6.14 13.62
N PHE B 270 -7.74 6.95 13.52
CA PHE B 270 -6.78 7.14 14.64
C PHE B 270 -7.53 7.50 15.92
N ARG B 271 -8.49 8.43 15.84
CA ARG B 271 -9.21 8.98 17.03
C ARG B 271 -10.07 7.90 17.71
N ARG B 272 -10.85 7.13 16.93
CA ARG B 272 -11.75 6.05 17.44
C ARG B 272 -10.90 5.01 18.21
N ALA B 273 -9.74 4.64 17.66
CA ALA B 273 -8.83 3.65 18.30
C ALA B 273 -8.34 4.21 19.64
N ILE B 274 -7.95 5.48 19.68
CA ILE B 274 -7.37 6.10 20.91
C ILE B 274 -8.48 6.21 21.96
N ALA B 275 -9.64 6.71 21.58
CA ALA B 275 -10.83 6.82 22.45
C ALA B 275 -11.19 5.45 23.05
N SER B 276 -10.77 4.33 22.46
CA SER B 276 -11.04 2.95 22.95
C SER B 276 -9.78 2.30 23.54
N GLY B 277 -8.77 3.09 23.88
CA GLY B 277 -7.65 2.64 24.74
C GLY B 277 -6.47 2.06 23.98
N HIS B 278 -6.35 2.36 22.68
CA HIS B 278 -5.33 1.70 21.82
C HIS B 278 -4.14 2.62 21.54
N LEU B 279 -4.04 3.75 22.24
CA LEU B 279 -2.93 4.71 22.00
C LEU B 279 -1.59 3.97 21.84
N HIS B 280 -1.24 2.99 22.65
CA HIS B 280 0.13 2.36 22.58
C HIS B 280 0.05 0.92 22.06
N ASP B 281 -1.08 0.59 21.44
CA ASP B 281 -1.24 -0.72 20.78
C ASP B 281 -0.53 -0.69 19.43
N ASP B 282 -0.36 -1.86 18.82
CA ASP B 282 0.18 -2.06 17.45
C ASP B 282 -0.73 -1.32 16.47
N PHE B 283 -0.17 -0.90 15.34
CA PHE B 283 -0.93 -0.28 14.23
C PHE B 283 -2.15 -1.18 13.91
N ALA B 284 -1.99 -2.49 13.99
CA ALA B 284 -3.02 -3.47 13.66
C ALA B 284 -4.32 -3.15 14.39
N ALA B 285 -4.26 -2.49 15.54
CA ALA B 285 -5.46 -2.21 16.37
C ALA B 285 -6.41 -1.30 15.61
N LEU B 286 -5.87 -0.48 14.69
CA LEU B 286 -6.71 0.42 13.87
C LEU B 286 -7.71 -0.45 13.10
N SER B 287 -7.34 -1.68 12.75
CA SER B 287 -8.21 -2.59 11.96
C SER B 287 -9.55 -2.78 12.66
N GLN B 288 -9.66 -2.48 13.96
CA GLN B 288 -10.93 -2.70 14.71
C GLN B 288 -11.91 -1.52 14.52
N PHE B 289 -11.54 -0.50 13.77
CA PHE B 289 -12.23 0.82 13.74
C PHE B 289 -12.46 1.28 12.30
N MET B 290 -12.70 0.33 11.39
CA MET B 290 -12.86 0.60 9.95
C MET B 290 -14.36 0.68 9.64
N GLY B 291 -15.20 0.28 10.58
CA GLY B 291 -16.68 0.33 10.47
C GLY B 291 -17.18 1.77 10.46
N LYS B 292 -18.29 1.99 9.77
CA LYS B 292 -19.09 3.24 9.73
C LYS B 292 -19.43 3.57 11.17
N ALA B 293 -19.11 4.79 11.62
CA ALA B 293 -19.38 5.35 12.96
C ALA B 293 -20.89 5.54 13.22
N GLU B 294 -21.76 5.10 12.28
CA GLU B 294 -23.22 5.44 12.19
C GLU B 294 -24.07 4.60 13.16
N GLN B 295 -25.39 4.51 12.89
CA GLN B 295 -26.46 3.90 13.74
C GLN B 295 -26.42 4.51 15.15
PA NAP C . 7.93 4.20 21.48
O1A NAP C . 8.32 2.76 21.46
O2A NAP C . 6.58 4.66 21.94
O5B NAP C . 9.10 5.02 22.24
C5B NAP C . 8.76 6.27 22.85
C4B NAP C . 10.00 6.83 23.50
O4B NAP C . 9.77 8.23 23.84
C3B NAP C . 10.40 6.19 24.85
O3B NAP C . 11.80 6.37 25.05
C2B NAP C . 9.53 7.03 25.78
O2B NAP C . 9.84 6.98 27.17
C1B NAP C . 9.90 8.39 25.22
N9A NAP C . 9.06 9.51 25.67
C8A NAP C . 7.73 9.75 25.43
N7A NAP C . 7.30 10.86 25.99
C5A NAP C . 8.42 11.38 26.65
C6A NAP C . 8.60 12.51 27.45
N6A NAP C . 7.64 13.38 27.73
N1A NAP C . 9.85 12.74 27.97
C2A NAP C . 10.80 11.84 27.71
N3A NAP C . 10.74 10.72 26.98
C4A NAP C . 9.50 10.55 26.46
O3 NAP C . 8.10 4.80 19.98
PN NAP C . 9.21 4.45 18.87
O1N NAP C . 8.55 3.46 17.97
O2N NAP C . 10.53 4.09 19.48
O5D NAP C . 9.30 5.91 18.22
C5D NAP C . 10.40 6.82 18.58
C4D NAP C . 10.48 7.95 17.56
O4D NAP C . 11.05 7.47 16.32
C3D NAP C . 9.13 8.59 17.20
O3D NAP C . 9.21 9.97 16.92
C2D NAP C . 8.75 7.89 15.89
O2D NAP C . 7.80 8.65 15.14
C1D NAP C . 10.14 7.75 15.25
N1N NAP C . 10.22 6.63 14.26
C2N NAP C . 9.64 5.38 14.55
C3N NAP C . 9.64 4.37 13.60
C7N NAP C . 9.23 2.95 13.92
O7N NAP C . 9.11 2.15 13.00
N7N NAP C . 9.04 2.59 15.18
C4N NAP C . 10.04 4.70 12.32
C5N NAP C . 10.84 5.80 12.13
C6N NAP C . 10.83 6.82 13.08
P2B NAP C . 9.01 5.90 28.04
O1X NAP C . 9.46 4.52 27.68
O2X NAP C . 9.56 6.45 29.38
O3X NAP C . 7.51 6.02 27.93
I IOD D . 26.38 7.17 33.43
I IOD E . 11.76 9.59 -10.58
I IOD F . -17.55 3.63 -14.58
I IOD G . -1.09 20.34 -4.82
PA NAP H . -12.98 -3.90 -23.46
O1A NAP H . -11.69 -4.03 -24.24
O2A NAP H . -13.81 -2.67 -23.35
O5B NAP H . -13.98 -5.05 -23.90
C5B NAP H . -15.34 -4.75 -23.62
C4B NAP H . -16.09 -5.95 -24.12
O4B NAP H . -17.44 -5.98 -23.55
C3B NAP H . -16.29 -5.96 -25.63
O3B NAP H . -16.07 -7.30 -26.04
C2B NAP H . -17.71 -5.41 -25.74
O2B NAP H . -18.45 -5.64 -26.94
C1B NAP H . -18.34 -6.17 -24.60
N9A NAP H . -19.64 -5.65 -24.19
C8A NAP H . -19.84 -4.53 -23.42
N7A NAP H . -21.12 -4.29 -23.23
C5A NAP H . -21.78 -5.30 -23.91
C6A NAP H . -23.14 -5.59 -24.05
N6A NAP H . -24.09 -4.85 -23.49
N1A NAP H . -23.49 -6.70 -24.75
C2A NAP H . -22.51 -7.42 -25.31
N3A NAP H . -21.18 -7.24 -25.24
C4A NAP H . -20.88 -6.15 -24.51
O3 NAP H . -12.66 -4.32 -21.98
PN NAP H . -11.76 -5.51 -21.41
O1N NAP H . -10.42 -5.02 -20.95
O2N NAP H . -11.76 -6.63 -22.42
O5D NAP H . -12.68 -5.82 -20.13
C5D NAP H . -13.31 -7.12 -19.92
C4D NAP H . -13.39 -7.41 -18.45
O4D NAP H . -12.07 -7.81 -18.00
C3D NAP H . -13.84 -6.21 -17.58
O3D NAP H . -14.82 -6.54 -16.62
C2D NAP H . -12.51 -5.75 -16.97
O2D NAP H . -12.70 -5.05 -15.75
C1D NAP H . -11.77 -7.08 -16.82
N1N NAP H . -10.30 -6.92 -16.71
C2N NAP H . -9.57 -6.34 -17.71
C3N NAP H . -8.17 -6.23 -17.56
C7N NAP H . -7.27 -5.61 -18.61
O7N NAP H . -6.07 -5.55 -18.39
N7N NAP H . -7.83 -5.19 -19.75
C4N NAP H . -7.56 -6.72 -16.41
C5N NAP H . -8.32 -7.35 -15.45
C6N NAP H . -9.69 -7.37 -15.57
P2B NAP H . -18.08 -4.57 -28.08
O1X NAP H . -16.71 -5.07 -28.60
O2X NAP H . -19.32 -4.88 -28.93
O3X NAP H . -18.05 -3.18 -27.48
I IOD I . -6.26 -6.94 15.26
I IOD J . -21.69 -6.11 -2.76
I IOD K . -20.63 -21.69 -34.44
I IOD L . -3.92 -9.66 21.51
#